data_8A51
#
_entry.id   8A51
#
_cell.length_a   73.866
_cell.length_b   73.866
_cell.length_c   92.801
_cell.angle_alpha   90
_cell.angle_beta   90
_cell.angle_gamma   90
#
_symmetry.space_group_name_H-M   'I 41 2 2'
#
loop_
_entity.id
_entity.type
_entity.pdbx_description
1 polymer 'Heat shock factor 2-binding protein'
2 polymer 'Break repair meiotic recombinase recruitment factor 1'
3 non-polymer DI(HYDROXYETHYL)ETHER
4 non-polymer 1,2-ETHANEDIOL
5 non-polymer 'CHLORIDE ION'
6 water water
#
loop_
_entity_poly.entity_id
_entity_poly.type
_entity_poly.pdbx_seq_one_letter_code
_entity_poly.pdbx_strand_id
1 'polypeptide(L)' EFVKVRKKDLERLTTEVMQIRDFLPRILNGEV A
2 'polypeptide(L)' EDATNVVRGLIVELSNLNRLIMGTHRDLEAFKRLNYRKTK B
#
loop_
_chem_comp.id
_chem_comp.type
_chem_comp.name
_chem_comp.formula
CL non-polymer 'CHLORIDE ION' 'Cl -1'
EDO non-polymer 1,2-ETHANEDIOL 'C2 H6 O2'
PEG non-polymer DI(HYDROXYETHYL)ETHER 'C4 H10 O3'
#
# COMPACT_ATOMS: atom_id res chain seq x y z
N GLU A 1 -10.63 -27.49 1.54
CA GLU A 1 -9.71 -27.46 0.40
C GLU A 1 -8.58 -26.44 0.62
N PHE A 2 -7.33 -26.89 0.47
CA PHE A 2 -6.14 -26.07 0.61
C PHE A 2 -5.44 -25.90 -0.73
N VAL A 3 -4.72 -24.79 -0.88
CA VAL A 3 -3.89 -24.43 -2.03
C VAL A 3 -2.48 -24.13 -1.50
N LYS A 4 -1.47 -24.24 -2.36
CA LYS A 4 -0.07 -24.00 -2.03
C LYS A 4 0.32 -22.55 -2.43
N VAL A 5 1.12 -21.88 -1.57
CA VAL A 5 1.56 -20.50 -1.77
C VAL A 5 3.04 -20.40 -1.37
N ARG A 6 3.87 -19.66 -2.13
CA ARG A 6 5.28 -19.49 -1.79
C ARG A 6 5.36 -18.64 -0.52
N LYS A 7 6.15 -19.07 0.47
CA LYS A 7 6.31 -18.39 1.75
C LYS A 7 6.80 -16.94 1.53
N LYS A 8 7.75 -16.76 0.63
N LYS A 8 7.77 -16.73 0.64
CA LYS A 8 8.30 -15.44 0.28
CA LYS A 8 8.30 -15.40 0.34
C LYS A 8 7.22 -14.51 -0.27
C LYS A 8 7.22 -14.49 -0.27
N ASP A 9 6.29 -15.06 -1.06
CA ASP A 9 5.20 -14.27 -1.64
C ASP A 9 4.17 -13.90 -0.55
N LEU A 10 3.89 -14.82 0.39
CA LEU A 10 3.01 -14.51 1.50
C LEU A 10 3.65 -13.46 2.41
N GLU A 11 4.98 -13.51 2.59
CA GLU A 11 5.72 -12.50 3.36
C GLU A 11 5.64 -11.14 2.66
N ARG A 12 5.73 -11.14 1.32
CA ARG A 12 5.63 -9.91 0.56
C ARG A 12 4.22 -9.33 0.66
N LEU A 13 3.20 -10.17 0.50
CA LEU A 13 1.81 -9.75 0.63
C LEU A 13 1.54 -9.16 2.03
N THR A 14 2.11 -9.76 3.06
CA THR A 14 2.01 -9.28 4.44
C THR A 14 2.65 -7.90 4.55
N THR A 15 3.81 -7.69 3.91
CA THR A 15 4.47 -6.39 3.90
C THR A 15 3.57 -5.34 3.26
N GLU A 16 2.92 -5.67 2.15
CA GLU A 16 2.05 -4.72 1.45
C GLU A 16 0.84 -4.38 2.30
N VAL A 17 0.27 -5.38 2.99
CA VAL A 17 -0.88 -5.16 3.86
C VAL A 17 -0.49 -4.27 5.04
N MET A 18 0.65 -4.56 5.66
CA MET A 18 1.13 -3.75 6.78
C MET A 18 1.43 -2.32 6.38
N GLN A 19 1.90 -2.09 5.14
CA GLN A 19 2.15 -0.74 4.68
C GLN A 19 0.82 0.03 4.50
N ILE A 20 -0.25 -0.58 3.94
CA ILE A 20 -1.54 0.12 3.81
CA ILE A 20 -1.52 0.12 3.79
C ILE A 20 -2.11 0.40 5.18
N ARG A 21 -1.96 -0.54 6.12
CA ARG A 21 -2.43 -0.38 7.50
C ARG A 21 -1.72 0.79 8.19
N ASP A 22 -0.42 0.95 7.97
CA ASP A 22 0.36 2.01 8.61
C ASP A 22 0.16 3.42 8.05
N PHE A 23 -0.08 3.57 6.74
CA PHE A 23 -0.17 4.90 6.12
C PHE A 23 -1.56 5.33 5.65
N LEU A 24 -2.51 4.42 5.40
CA LEU A 24 -3.82 4.83 4.91
C LEU A 24 -4.69 5.53 5.97
N PRO A 25 -4.76 5.05 7.23
CA PRO A 25 -5.63 5.72 8.22
C PRO A 25 -5.34 7.21 8.42
N ARG A 26 -4.08 7.64 8.52
CA ARG A 26 -3.77 9.06 8.72
C ARG A 26 -4.32 9.94 7.59
N ILE A 27 -4.31 9.43 6.34
CA ILE A 27 -4.84 10.18 5.20
C ILE A 27 -6.37 10.27 5.29
N LEU A 28 -7.05 9.12 5.50
CA LEU A 28 -8.51 9.08 5.55
C LEU A 28 -9.09 9.84 6.73
N ASN A 29 -8.40 9.85 7.87
CA ASN A 29 -8.88 10.56 9.06
C ASN A 29 -8.52 12.06 9.09
N GLY A 30 -7.88 12.58 8.05
CA GLY A 30 -7.53 13.99 7.94
C GLY A 30 -6.18 14.34 8.52
N GLU B 1 -4.13 -26.03 -7.54
CA GLU B 1 -3.46 -26.15 -6.25
C GLU B 1 -2.42 -25.03 -6.09
N ASP B 2 -1.52 -24.81 -7.06
CA ASP B 2 -0.53 -23.74 -6.94
C ASP B 2 -1.26 -22.41 -7.17
N ALA B 3 -1.39 -21.60 -6.10
CA ALA B 3 -2.08 -20.32 -6.17
C ALA B 3 -1.13 -19.12 -6.30
N THR B 4 0.09 -19.34 -6.83
CA THR B 4 1.10 -18.29 -6.98
C THR B 4 0.61 -17.13 -7.82
N ASN B 5 -0.01 -17.42 -8.96
CA ASN B 5 -0.48 -16.39 -9.88
C ASN B 5 -1.53 -15.50 -9.23
N VAL B 6 -2.40 -16.07 -8.37
CA VAL B 6 -3.41 -15.29 -7.66
C VAL B 6 -2.72 -14.37 -6.64
N VAL B 7 -1.82 -14.93 -5.81
CA VAL B 7 -1.13 -14.18 -4.76
C VAL B 7 -0.25 -13.07 -5.35
N ARG B 8 0.46 -13.36 -6.44
CA ARG B 8 1.27 -12.37 -7.12
C ARG B 8 0.38 -11.25 -7.70
N GLY B 9 -0.84 -11.60 -8.13
CA GLY B 9 -1.83 -10.63 -8.58
C GLY B 9 -2.21 -9.68 -7.47
N LEU B 10 -2.39 -10.22 -6.26
CA LEU B 10 -2.72 -9.42 -5.07
C LEU B 10 -1.56 -8.54 -4.66
N ILE B 11 -0.32 -9.03 -4.79
CA ILE B 11 0.87 -8.26 -4.48
C ILE B 11 0.94 -7.06 -5.42
N VAL B 12 0.71 -7.28 -6.72
CA VAL B 12 0.75 -6.22 -7.72
C VAL B 12 -0.35 -5.17 -7.39
N GLU B 13 -1.59 -5.62 -7.15
CA GLU B 13 -2.69 -4.70 -6.82
C GLU B 13 -2.39 -3.87 -5.57
N LEU B 14 -1.95 -4.52 -4.48
CA LEU B 14 -1.69 -3.82 -3.23
C LEU B 14 -0.49 -2.92 -3.30
N SER B 15 0.55 -3.34 -4.02
CA SER B 15 1.72 -2.50 -4.20
C SER B 15 1.36 -1.27 -5.05
N ASN B 16 0.45 -1.40 -6.04
CA ASN B 16 -0.02 -0.25 -6.82
C ASN B 16 -0.78 0.73 -5.91
N LEU B 17 -1.62 0.20 -5.05
CA LEU B 17 -2.37 1.02 -4.10
C LEU B 17 -1.43 1.70 -3.11
N ASN B 18 -0.40 1.00 -2.62
CA ASN B 18 0.57 1.58 -1.72
C ASN B 18 1.36 2.71 -2.40
N ARG B 19 1.69 2.57 -3.68
CA ARG B 19 2.38 3.63 -4.43
C ARG B 19 1.47 4.86 -4.51
N LEU B 20 0.19 4.64 -4.80
CA LEU B 20 -0.81 5.70 -4.87
C LEU B 20 -1.03 6.38 -3.51
N ILE B 21 -0.98 5.61 -2.41
CA ILE B 21 -1.13 6.13 -1.05
C ILE B 21 0.04 7.06 -0.72
N MET B 22 1.27 6.65 -1.01
N MET B 22 1.27 6.64 -1.03
CA MET B 22 2.44 7.50 -0.72
CA MET B 22 2.48 7.44 -0.78
C MET B 22 2.48 8.75 -1.59
C MET B 22 2.43 8.75 -1.57
N GLY B 23 2.03 8.67 -2.84
CA GLY B 23 1.95 9.84 -3.70
C GLY B 23 0.91 10.81 -3.21
N THR B 24 -0.25 10.30 -2.71
CA THR B 24 -1.29 11.13 -2.14
C THR B 24 -0.77 11.80 -0.87
N HIS B 25 -0.07 11.03 -0.01
CA HIS B 25 0.51 11.54 1.24
C HIS B 25 1.48 12.72 0.97
N ARG B 26 2.37 12.56 -0.01
N ARG B 26 2.38 12.56 -0.01
CA ARG B 26 3.33 13.60 -0.36
CA ARG B 26 3.32 13.61 -0.35
C ARG B 26 2.60 14.81 -0.95
C ARG B 26 2.60 14.81 -0.95
N ASP B 27 1.54 14.59 -1.74
CA ASP B 27 0.74 15.69 -2.31
C ASP B 27 -0.03 16.46 -1.23
N LEU B 28 -0.49 15.77 -0.17
CA LEU B 28 -1.19 16.41 0.94
C LEU B 28 -0.22 17.22 1.78
N GLU B 29 0.99 16.69 2.05
CA GLU B 29 2.03 17.41 2.79
C GLU B 29 2.45 18.68 2.02
N ALA B 30 2.51 18.58 0.68
CA ALA B 30 2.83 19.67 -0.21
C ALA B 30 1.72 20.70 -0.23
N PHE B 31 0.44 20.26 -0.30
CA PHE B 31 -0.69 21.18 -0.30
C PHE B 31 -0.74 22.00 0.99
N LYS B 32 -0.59 21.34 2.15
CA LYS B 32 -0.58 22.03 3.44
C LYS B 32 0.57 23.03 3.53
N ARG B 33 1.74 22.65 2.99
CA ARG B 33 2.92 23.51 2.94
C ARG B 33 2.64 24.78 2.12
N LEU B 34 2.04 24.65 0.91
CA LEU B 34 1.72 25.79 0.06
C LEU B 34 0.70 26.75 0.68
N ASN B 35 -0.26 26.25 1.48
CA ASN B 35 -1.26 27.13 2.10
C ASN B 35 -0.63 28.02 3.17
N TYR B 36 0.40 27.51 3.90
CA TYR B 36 1.13 28.34 4.86
C TYR B 36 1.85 29.47 4.11
N ARG B 37 2.38 29.20 2.90
CA ARG B 37 3.06 30.20 2.08
C ARG B 37 2.06 31.23 1.55
N LYS B 38 0.88 30.78 1.06
CA LYS B 38 -0.15 31.70 0.55
C LYS B 38 -0.66 32.61 1.68
N THR B 39 -1.04 32.00 2.82
CA THR B 39 -1.57 32.73 3.98
C THR B 39 -0.42 33.32 4.78
C1 PEG C . 6.34 -7.89 7.19
O1 PEG C . 5.07 -7.50 7.68
C2 PEG C . 6.34 -9.29 6.63
O2 PEG C . 5.95 -10.20 7.64
C3 PEG C . 6.29 -11.55 7.34
C4 PEG C . 5.27 -12.49 7.93
O4 PEG C . 4.32 -12.94 6.98
H11 PEG C . 7.06 -7.81 8.02
H12 PEG C . 6.63 -7.18 6.41
HO1 PEG C . 5.16 -6.61 8.05
H21 PEG C . 7.35 -9.54 6.31
H22 PEG C . 5.66 -9.34 5.78
H31 PEG C . 7.27 -11.77 7.75
H32 PEG C . 6.31 -11.65 6.25
H41 PEG C . 4.71 -11.97 8.73
H42 PEG C . 5.77 -13.36 8.35
HO4 PEG C . 3.78 -13.62 7.42
C1 PEG D . -7.59 12.42 0.92
O1 PEG D . -7.47 13.14 -0.30
C2 PEG D . -9.00 12.44 1.43
O2 PEG D . -9.01 12.16 2.83
C3 PEG D . -10.33 12.07 3.35
C4 PEG D . -10.60 13.25 4.23
O4 PEG D . -9.41 13.80 4.75
H11 PEG D . -6.92 12.87 1.65
H12 PEG D . -7.28 11.39 0.72
HO1 PEG D . -6.52 13.15 -0.53
H21 PEG D . -9.58 11.65 0.92
H22 PEG D . -9.47 13.40 1.25
H31 PEG D . -10.43 11.14 3.92
H32 PEG D . -11.02 12.07 2.52
H41 PEG D . -11.21 12.94 5.08
H42 PEG D . -11.12 14.04 3.69
HO4 PEG D . -9.01 14.34 4.04
C1 EDO E . -0.01 13.00 11.16
O1 EDO E . -0.13 14.30 10.59
C2 EDO E . 0.28 11.98 10.08
O2 EDO E . 1.53 12.25 9.47
H11 EDO E . -0.96 12.77 11.67
H12 EDO E . 0.80 13.02 11.89
HO1 EDO E . -0.34 14.91 11.31
H21 EDO E . -0.48 12.04 9.30
H22 EDO E . 0.31 10.97 10.50
HO2 EDO E . 1.75 11.48 8.93
C1 PEG F . -6.59 -5.60 -13.07
O1 PEG F . -7.30 -4.39 -12.84
C2 PEG F . -7.51 -6.74 -13.40
O2 PEG F . -6.76 -7.95 -13.46
C3 PEG F . -7.22 -8.98 -12.58
C4 PEG F . -6.84 -8.65 -11.16
O4 PEG F . -6.36 -9.80 -10.47
H11 PEG F . -6.00 -5.82 -12.17
H12 PEG F . -5.91 -5.42 -13.91
HO1 PEG F . -6.66 -3.75 -12.50
H21 PEG F . -7.97 -6.57 -14.37
H22 PEG F . -8.30 -6.80 -12.64
H31 PEG F . -6.77 -9.92 -12.90
H32 PEG F . -8.30 -9.06 -12.67
H41 PEG F . -7.70 -8.28 -10.63
H42 PEG F . -6.05 -7.90 -11.15
HO4 PEG F . -6.00 -9.47 -9.61
C1 EDO G . 5.69 1.25 -2.63
O1 EDO G . 5.08 2.20 -1.76
C2 EDO G . 4.77 0.07 -2.91
O2 EDO G . 4.65 -0.76 -1.76
H11 EDO G . 6.61 0.91 -2.16
H12 EDO G . 5.94 1.77 -3.56
HO1 EDO G . 4.39 2.66 -2.28
H21 EDO G . 5.16 -0.53 -3.72
H22 EDO G . 3.77 0.43 -3.17
HO2 EDO G . 4.10 -1.53 -2.02
C1 EDO H . -3.89 1.85 -8.07
O1 EDO H . -3.41 2.43 -9.28
C2 EDO H . -4.52 0.50 -8.33
O2 EDO H . -5.92 0.63 -8.56
H11 EDO H . -4.62 2.55 -7.63
H12 EDO H . -3.03 1.75 -7.40
HO1 EDO H . -3.04 3.30 -9.05
H21 EDO H . -4.39 -0.15 -7.47
H22 EDO H . -4.08 0.03 -9.22
HO2 EDO H . -6.25 -0.26 -8.74
C1 EDO I . -2.65 14.09 6.84
O1 EDO I . -2.69 14.48 8.20
C2 EDO I . -1.63 12.98 6.66
O2 EDO I . -1.23 12.92 5.31
H11 EDO I . -2.38 14.96 6.24
H12 EDO I . -3.64 13.74 6.56
HO1 EDO I . -3.30 15.24 8.27
H21 EDO I . -2.07 12.01 6.93
H22 EDO I . -0.74 13.17 7.28
HO2 EDO I . -0.68 12.11 5.22
CL CL J . 6.42 -1.52 -5.13
#